data_7B55
#
_entry.id   7B55
#
_cell.length_a   66.574
_cell.length_b   70.023
_cell.length_c   91.319
_cell.angle_alpha   90.000
_cell.angle_beta   90.000
_cell.angle_gamma   90.000
#
_symmetry.space_group_name_H-M   'P 21 21 21'
#
loop_
_entity.id
_entity.type
_entity.pdbx_description
1 polymer 'Calcium/calmodulin-dependent protein kinase type II subunit alpha'
2 polymer Alpha-actinin-2
3 non-polymer '2-(N-MORPHOLINO)-ETHANESULFONIC ACID'
4 water water
#
loop_
_entity_poly.entity_id
_entity_poly.type
_entity_poly.pdbx_seq_one_letter_code
_entity_poly.pdbx_strand_id
1 'polypeptide(L)'
;SMMATITCTRFTEEYQLFEELGKGAFSVVRRCVKVLAGQEYAAKIINTKKLSARDHQKLEREARICRLLKHPNIVRLHDS
ISEEGHHYLIFDLVTGGELFEDIVAREYYSEADASHCIQQILEAVLHCHQMGVVHRDLKPENLLLASKLKGAAVKLADFG
LAIEVEGEQQAWFGFAGTPGYLSPEVLRKDPYGKPVDLWACGVILYILLVGYPPFWDEDQHRLYQQIKAGAYDFPSPEWD
TVTPEAKDLINKMLTINPSKRITAAEALKHPWISHRSTVASCMHRQETVDCLKKFNARRKLKGAILAAMLATRNFSG
;
B
2 'polypeptide(L)' SNATDTAEQVIASFRILASDKPYILAEELRRELPPDQAQYCIKRMPAYSGPGSVPGALDYAAFSSALYGESDL A
#
# COMPACT_ATOMS: atom_id res chain seq x y z
N THR A 7 4.27 -30.04 -23.28
CA THR A 7 4.28 -28.95 -22.32
C THR A 7 3.28 -29.18 -21.20
N CYS A 8 3.36 -28.36 -20.15
CA CYS A 8 2.43 -28.43 -19.04
C CYS A 8 1.31 -27.41 -19.23
N THR A 9 0.07 -27.87 -19.14
CA THR A 9 -1.09 -27.00 -19.15
C THR A 9 -1.93 -27.22 -17.90
N ARG A 10 -1.26 -27.49 -16.76
CA ARG A 10 -2.02 -27.89 -15.58
C ARG A 10 -2.89 -26.76 -15.05
N PHE A 11 -2.42 -25.51 -15.11
CA PHE A 11 -3.31 -24.44 -14.68
C PHE A 11 -4.48 -24.30 -15.63
N THR A 12 -4.20 -24.27 -16.93
CA THR A 12 -5.24 -24.10 -17.93
C THR A 12 -6.31 -25.20 -17.82
N GLU A 13 -5.88 -26.43 -17.54
CA GLU A 13 -6.82 -27.55 -17.49
C GLU A 13 -7.60 -27.59 -16.18
N GLU A 14 -6.98 -27.21 -15.06
CA GLU A 14 -7.57 -27.49 -13.77
C GLU A 14 -8.18 -26.28 -13.09
N TYR A 15 -7.86 -25.07 -13.55
CA TYR A 15 -8.35 -23.84 -12.95
C TYR A 15 -9.15 -23.06 -13.98
N GLN A 16 -10.15 -22.31 -13.50
CA GLN A 16 -10.81 -21.30 -14.32
C GLN A 16 -10.46 -19.94 -13.77
N LEU A 17 -10.19 -18.98 -14.67
CA LEU A 17 -9.82 -17.64 -14.27
C LEU A 17 -11.05 -16.75 -14.30
N PHE A 18 -11.14 -15.85 -13.33
CA PHE A 18 -12.23 -14.86 -13.31
C PHE A 18 -11.68 -13.45 -13.27
N GLU A 19 -12.27 -12.57 -12.46
CA GLU A 19 -12.01 -11.15 -12.59
C GLU A 19 -10.64 -10.78 -12.03
N GLU A 20 -10.11 -9.66 -12.52
CA GLU A 20 -8.88 -9.13 -11.97
C GLU A 20 -9.08 -8.66 -10.54
N LEU A 21 -8.08 -8.91 -9.70
CA LEU A 21 -8.11 -8.49 -8.30
C LEU A 21 -7.07 -7.43 -7.98
N GLY A 22 -6.01 -7.34 -8.78
CA GLY A 22 -4.94 -6.39 -8.54
C GLY A 22 -4.16 -6.14 -9.81
N LYS A 23 -3.91 -4.87 -10.10
CA LYS A 23 -3.17 -4.44 -11.28
C LYS A 23 -1.72 -4.24 -10.88
N GLY A 24 -0.85 -5.17 -11.30
CA GLY A 24 0.57 -5.05 -11.06
C GLY A 24 1.29 -4.50 -12.27
N ALA A 25 2.54 -4.09 -12.04
CA ALA A 25 3.31 -3.43 -13.10
C ALA A 25 3.62 -4.39 -14.25
N PHE A 26 4.04 -5.62 -13.94
CA PHE A 26 4.36 -6.61 -14.95
C PHE A 26 3.62 -7.93 -14.72
N SER A 27 2.73 -7.99 -13.73
CA SER A 27 1.90 -9.15 -13.51
C SER A 27 0.49 -8.70 -13.20
N VAL A 28 -0.43 -9.65 -13.22
CA VAL A 28 -1.82 -9.41 -12.85
C VAL A 28 -2.21 -10.48 -11.84
N VAL A 29 -3.11 -10.13 -10.93
CA VAL A 29 -3.72 -11.08 -10.01
C VAL A 29 -5.18 -11.22 -10.42
N ARG A 30 -5.60 -12.44 -10.70
CA ARG A 30 -7.01 -12.71 -10.99
C ARG A 30 -7.51 -13.77 -10.02
N ARG A 31 -8.79 -13.66 -9.68
CA ARG A 31 -9.42 -14.75 -8.95
C ARG A 31 -9.48 -15.99 -9.83
N CYS A 32 -9.28 -17.16 -9.24
CA CYS A 32 -9.44 -18.40 -9.99
C CYS A 32 -10.14 -19.43 -9.12
N VAL A 33 -10.68 -20.44 -9.78
CA VAL A 33 -11.35 -21.56 -9.13
C VAL A 33 -10.70 -22.85 -9.61
N LYS A 34 -10.29 -23.70 -8.66
CA LYS A 34 -9.88 -25.07 -8.97
C LYS A 34 -11.15 -25.86 -9.24
N VAL A 35 -11.37 -26.22 -10.50
CA VAL A 35 -12.70 -26.66 -10.94
C VAL A 35 -13.12 -27.93 -10.21
N LEU A 36 -12.21 -28.89 -10.09
CA LEU A 36 -12.55 -30.18 -9.46
C LEU A 36 -13.04 -30.00 -8.03
N ALA A 37 -12.38 -29.11 -7.28
CA ALA A 37 -12.71 -28.86 -5.88
C ALA A 37 -13.76 -27.77 -5.68
N GLY A 38 -13.99 -26.91 -6.67
CA GLY A 38 -14.84 -25.76 -6.48
C GLY A 38 -14.25 -24.66 -5.65
N GLN A 39 -13.01 -24.81 -5.20
CA GLN A 39 -12.38 -23.89 -4.25
C GLN A 39 -11.74 -22.70 -4.96
N GLU A 40 -11.97 -21.51 -4.43
CA GLU A 40 -11.42 -20.27 -4.98
C GLU A 40 -10.03 -19.98 -4.45
N TYR A 41 -9.20 -19.37 -5.30
CA TYR A 41 -7.85 -18.95 -5.01
C TYR A 41 -7.59 -17.63 -5.72
N ALA A 42 -6.39 -17.09 -5.55
CA ALA A 42 -5.91 -15.95 -6.32
C ALA A 42 -4.71 -16.39 -7.15
N ALA A 43 -4.72 -16.06 -8.43
CA ALA A 43 -3.64 -16.41 -9.34
C ALA A 43 -2.89 -15.15 -9.71
N LYS A 44 -1.62 -15.09 -9.32
CA LYS A 44 -0.70 -14.04 -9.77
C LYS A 44 0.00 -14.56 -11.02
N ILE A 45 -0.20 -13.87 -12.15
CA ILE A 45 0.14 -14.38 -13.47
C ILE A 45 1.22 -13.49 -14.06
N ILE A 46 2.32 -14.10 -14.49
CA ILE A 46 3.38 -13.38 -15.21
C ILE A 46 3.51 -13.98 -16.61
N ASN A 47 3.45 -13.13 -17.64
CA ASN A 47 3.72 -13.56 -19.00
C ASN A 47 5.24 -13.61 -19.19
N THR A 48 5.77 -14.81 -19.40
CA THR A 48 7.20 -15.04 -19.40
C THR A 48 7.79 -15.06 -20.80
N LYS A 49 6.99 -14.73 -21.83
CA LYS A 49 7.44 -14.93 -23.21
C LYS A 49 8.62 -14.02 -23.54
N LYS A 50 8.53 -12.76 -23.16
CA LYS A 50 9.51 -11.75 -23.54
C LYS A 50 10.18 -11.14 -22.31
N LEU A 51 10.40 -11.96 -21.30
CA LEU A 51 11.11 -11.55 -20.09
C LEU A 51 12.62 -11.66 -20.28
N SER A 52 13.34 -10.71 -19.70
CA SER A 52 14.78 -10.76 -19.69
C SER A 52 15.27 -11.84 -18.73
N ALA A 53 16.56 -12.20 -18.89
CA ALA A 53 17.17 -13.14 -17.96
C ALA A 53 17.09 -12.61 -16.52
N ARG A 54 17.27 -11.31 -16.33
CA ARG A 54 17.17 -10.74 -14.99
C ARG A 54 15.75 -10.83 -14.46
N ASP A 55 14.74 -10.62 -15.33
CA ASP A 55 13.36 -10.69 -14.87
C ASP A 55 12.95 -12.13 -14.52
N HIS A 56 13.48 -13.11 -15.25
CA HIS A 56 13.25 -14.50 -14.88
C HIS A 56 13.81 -14.79 -13.49
N GLN A 57 15.04 -14.34 -13.24
CA GLN A 57 15.65 -14.52 -11.92
C GLN A 57 14.80 -13.91 -10.82
N LYS A 58 14.25 -12.72 -11.07
CA LYS A 58 13.43 -12.08 -10.03
C LYS A 58 12.11 -12.81 -9.84
N LEU A 59 11.53 -13.33 -10.92
CA LEU A 59 10.32 -14.15 -10.79
C LEU A 59 10.61 -15.39 -9.97
N GLU A 60 11.72 -16.06 -10.26
CA GLU A 60 12.08 -17.28 -9.54
C GLU A 60 12.41 -16.99 -8.08
N ARG A 61 13.00 -15.83 -7.81
CA ARG A 61 13.25 -15.39 -6.44
C ARG A 61 11.93 -15.20 -5.68
N GLU A 62 10.96 -14.51 -6.29
CA GLU A 62 9.69 -14.29 -5.61
C GLU A 62 8.98 -15.60 -5.30
N ALA A 63 8.96 -16.52 -6.28
CA ALA A 63 8.33 -17.82 -6.05
C ALA A 63 8.98 -18.54 -4.89
N ARG A 64 10.31 -18.53 -4.84
CA ARG A 64 11.04 -19.18 -3.75
C ARG A 64 10.65 -18.58 -2.40
N ILE A 65 10.64 -17.26 -2.31
CA ILE A 65 10.33 -16.59 -1.05
C ILE A 65 8.89 -16.87 -0.63
N CYS A 66 7.96 -16.80 -1.58
CA CYS A 66 6.56 -17.11 -1.29
C CYS A 66 6.39 -18.53 -0.75
N ARG A 67 7.09 -19.50 -1.34
CA ARG A 67 7.00 -20.86 -0.82
C ARG A 67 7.59 -20.97 0.58
N LEU A 68 8.62 -20.16 0.86
CA LEU A 68 9.33 -20.24 2.13
C LEU A 68 8.51 -19.72 3.30
N LEU A 69 7.62 -18.77 3.06
CA LEU A 69 7.00 -18.00 4.13
C LEU A 69 5.63 -18.54 4.47
N LYS A 70 5.47 -19.01 5.70
CA LYS A 70 4.23 -19.60 6.19
C LYS A 70 3.92 -18.94 7.53
N HIS A 71 2.87 -18.13 7.58
CA HIS A 71 2.58 -17.36 8.78
C HIS A 71 1.14 -16.89 8.72
N PRO A 72 0.45 -16.81 9.85
CA PRO A 72 -0.96 -16.39 9.83
C PRO A 72 -1.17 -14.99 9.27
N ASN A 73 -0.16 -14.12 9.31
CA ASN A 73 -0.31 -12.77 8.79
C ASN A 73 0.46 -12.55 7.50
N ILE A 74 0.75 -13.62 6.75
CA ILE A 74 1.35 -13.54 5.42
C ILE A 74 0.48 -14.34 4.47
N VAL A 75 0.20 -13.78 3.29
CA VAL A 75 -0.54 -14.53 2.27
C VAL A 75 0.16 -15.85 2.01
N ARG A 76 -0.63 -16.90 1.85
CA ARG A 76 -0.10 -18.26 1.78
C ARG A 76 -0.13 -18.75 0.35
N LEU A 77 1.01 -19.24 -0.12
CA LEU A 77 1.08 -19.85 -1.45
C LEU A 77 0.44 -21.23 -1.41
N HIS A 78 -0.49 -21.47 -2.35
CA HIS A 78 -1.16 -22.76 -2.48
C HIS A 78 -0.51 -23.67 -3.51
N ASP A 79 -0.06 -23.12 -4.63
CA ASP A 79 0.43 -23.90 -5.76
C ASP A 79 1.26 -22.95 -6.62
N SER A 80 2.09 -23.53 -7.46
CA SER A 80 2.86 -22.77 -8.44
C SER A 80 2.94 -23.62 -9.70
N ILE A 81 2.62 -23.01 -10.84
CA ILE A 81 2.47 -23.73 -12.10
C ILE A 81 3.20 -22.96 -13.20
N SER A 82 4.07 -23.64 -13.90
CA SER A 82 4.81 -23.09 -15.04
C SER A 82 4.21 -23.67 -16.32
N GLU A 83 3.63 -22.80 -17.15
CA GLU A 83 3.19 -23.20 -18.48
C GLU A 83 4.14 -22.58 -19.51
N GLU A 84 3.88 -22.85 -20.79
CA GLU A 84 4.84 -22.49 -21.84
C GLU A 84 5.17 -21.01 -21.82
N GLY A 85 4.15 -20.16 -21.75
CA GLY A 85 4.37 -18.73 -21.81
C GLY A 85 3.89 -17.95 -20.60
N HIS A 86 3.51 -18.65 -19.52
CA HIS A 86 2.98 -17.99 -18.33
C HIS A 86 3.42 -18.77 -17.10
N HIS A 87 3.63 -18.02 -16.03
CA HIS A 87 3.89 -18.55 -14.70
C HIS A 87 2.77 -18.13 -13.76
N TYR A 88 2.30 -19.06 -12.92
CA TYR A 88 1.19 -18.84 -12.02
C TYR A 88 1.65 -19.10 -10.60
N LEU A 89 1.55 -18.09 -9.75
CA LEU A 89 1.62 -18.28 -8.30
C LEU A 89 0.19 -18.25 -7.78
N ILE A 90 -0.26 -19.37 -7.23
CA ILE A 90 -1.63 -19.51 -6.77
C ILE A 90 -1.62 -19.35 -5.25
N PHE A 91 -2.35 -18.36 -4.75
CA PHE A 91 -2.41 -18.08 -3.33
C PHE A 91 -3.78 -18.40 -2.75
N ASP A 92 -3.81 -18.72 -1.46
CA ASP A 92 -5.07 -18.73 -0.74
C ASP A 92 -5.71 -17.35 -0.89
N LEU A 93 -6.99 -17.31 -1.25
CA LEU A 93 -7.63 -16.04 -1.57
C LEU A 93 -7.99 -15.31 -0.29
N VAL A 94 -7.52 -14.08 -0.15
CA VAL A 94 -7.98 -13.20 0.92
C VAL A 94 -9.00 -12.24 0.30
N THR A 95 -10.12 -12.06 1.00
CA THR A 95 -11.27 -11.38 0.44
C THR A 95 -11.64 -10.09 1.16
N GLY A 96 -10.84 -9.63 2.14
CA GLY A 96 -11.20 -8.43 2.86
C GLY A 96 -10.73 -7.12 2.26
N GLY A 97 -9.94 -7.18 1.19
CA GLY A 97 -9.48 -5.98 0.54
C GLY A 97 -8.35 -5.30 1.29
N GLU A 98 -8.04 -4.08 0.84
CA GLU A 98 -6.96 -3.32 1.45
C GLU A 98 -7.35 -2.80 2.83
N LEU A 99 -6.39 -2.89 3.75
CA LEU A 99 -6.61 -2.43 5.13
C LEU A 99 -7.10 -0.98 5.18
N PHE A 100 -6.42 -0.09 4.45
CA PHE A 100 -6.75 1.33 4.51
C PHE A 100 -8.17 1.61 4.02
N GLU A 101 -8.63 0.85 3.01
CA GLU A 101 -10.01 0.98 2.54
C GLU A 101 -10.99 0.51 3.60
N ASP A 102 -10.66 -0.55 4.31
CA ASP A 102 -11.55 -1.06 5.34
C ASP A 102 -11.67 -0.08 6.49
N ILE A 103 -10.57 0.56 6.88
CA ILE A 103 -10.61 1.53 7.96
C ILE A 103 -11.62 2.62 7.63
N VAL A 104 -11.54 3.15 6.41
CA VAL A 104 -12.47 4.20 6.01
C VAL A 104 -13.90 3.66 6.00
N ALA A 105 -14.09 2.47 5.43
CA ALA A 105 -15.44 1.94 5.26
C ALA A 105 -16.13 1.69 6.60
N ARG A 106 -15.38 1.25 7.61
CA ARG A 106 -15.95 0.94 8.91
C ARG A 106 -16.01 2.16 9.84
N GLU A 107 -15.52 3.32 9.38
CA GLU A 107 -15.82 4.65 9.92
C GLU A 107 -15.07 5.03 11.19
N TYR A 108 -14.92 4.10 12.13
CA TYR A 108 -14.41 4.41 13.46
C TYR A 108 -13.06 3.74 13.64
N TYR A 109 -12.11 4.48 14.21
CA TYR A 109 -10.75 4.00 14.29
C TYR A 109 -10.06 4.71 15.45
N SER A 110 -9.36 3.94 16.28
CA SER A 110 -8.66 4.48 17.43
C SER A 110 -7.22 3.96 17.43
N GLU A 111 -6.44 4.48 18.38
CA GLU A 111 -5.09 3.97 18.59
C GLU A 111 -5.10 2.47 18.87
N ALA A 112 -6.08 2.02 19.67
CA ALA A 112 -6.16 0.59 19.98
C ALA A 112 -6.31 -0.24 18.72
N ASP A 113 -7.15 0.22 17.78
CA ASP A 113 -7.25 -0.44 16.49
C ASP A 113 -5.93 -0.42 15.74
N ALA A 114 -5.26 0.74 15.71
CA ALA A 114 -3.98 0.84 14.99
C ALA A 114 -2.93 -0.09 15.60
N SER A 115 -2.90 -0.17 16.93
CA SER A 115 -1.93 -1.02 17.62
C SER A 115 -2.13 -2.49 17.28
N HIS A 116 -3.40 -2.95 17.28
CA HIS A 116 -3.67 -4.33 16.93
C HIS A 116 -3.28 -4.60 15.47
N CYS A 117 -3.54 -3.63 14.59
N CYS A 117 -3.49 -3.61 14.63
CA CYS A 117 -3.14 -3.74 13.19
CA CYS A 117 -3.16 -3.73 13.22
C CYS A 117 -1.63 -3.86 13.06
C CYS A 117 -1.65 -3.82 13.01
N ILE A 118 -0.89 -2.91 13.64
CA ILE A 118 0.56 -2.89 13.46
C ILE A 118 1.22 -4.05 14.20
N GLN A 119 0.59 -4.57 15.27
CA GLN A 119 1.12 -5.78 15.90
C GLN A 119 1.16 -6.94 14.90
N GLN A 120 0.09 -7.10 14.13
CA GLN A 120 0.06 -8.19 13.15
C GLN A 120 1.10 -7.97 12.06
N ILE A 121 1.23 -6.75 11.56
CA ILE A 121 2.25 -6.43 10.56
C ILE A 121 3.64 -6.74 11.10
N LEU A 122 3.91 -6.33 12.34
CA LEU A 122 5.23 -6.59 12.93
C LEU A 122 5.50 -8.08 13.08
N GLU A 123 4.48 -8.87 13.45
CA GLU A 123 4.67 -10.31 13.53
C GLU A 123 4.98 -10.91 12.17
N ALA A 124 4.30 -10.44 11.12
CA ALA A 124 4.63 -10.87 9.77
C ALA A 124 6.07 -10.50 9.41
N VAL A 125 6.47 -9.26 9.72
CA VAL A 125 7.81 -8.80 9.37
C VAL A 125 8.86 -9.57 10.17
N LEU A 126 8.60 -9.77 11.46
CA LEU A 126 9.50 -10.60 12.27
C LEU A 126 9.71 -11.97 11.63
N HIS A 127 8.62 -12.59 11.17
CA HIS A 127 8.74 -13.90 10.54
C HIS A 127 9.60 -13.84 9.29
N CYS A 128 9.36 -12.85 8.43
CA CYS A 128 10.21 -12.68 7.25
C CYS A 128 11.66 -12.59 7.65
N HIS A 129 11.97 -11.71 8.61
CA HIS A 129 13.36 -11.50 9.01
C HIS A 129 13.95 -12.76 9.61
N GLN A 130 13.18 -13.51 10.40
CA GLN A 130 13.69 -14.78 10.94
C GLN A 130 13.96 -15.82 9.87
N MET A 131 13.33 -15.70 8.71
CA MET A 131 13.61 -16.58 7.58
C MET A 131 14.65 -16.00 6.63
N GLY A 132 15.25 -14.86 6.99
CA GLY A 132 16.24 -14.24 6.14
C GLY A 132 15.66 -13.54 4.94
N VAL A 133 14.48 -12.94 5.08
CA VAL A 133 13.79 -12.25 3.99
C VAL A 133 13.51 -10.82 4.45
N VAL A 134 13.87 -9.85 3.60
CA VAL A 134 13.53 -8.45 3.80
C VAL A 134 12.49 -8.10 2.75
N HIS A 135 11.34 -7.60 3.19
CA HIS A 135 10.21 -7.41 2.27
C HIS A 135 10.50 -6.28 1.27
N ARG A 136 10.96 -5.13 1.77
CA ARG A 136 11.32 -3.94 0.98
C ARG A 136 10.13 -3.24 0.34
N ASP A 137 8.90 -3.70 0.55
CA ASP A 137 7.77 -3.07 -0.13
C ASP A 137 6.59 -2.93 0.82
N LEU A 138 6.87 -2.67 2.09
CA LEU A 138 5.79 -2.47 3.05
C LEU A 138 5.13 -1.14 2.73
N LYS A 139 3.87 -1.20 2.32
CA LYS A 139 3.10 -0.03 1.95
C LYS A 139 1.62 -0.42 1.94
N PRO A 140 0.70 0.54 1.88
CA PRO A 140 -0.71 0.22 2.16
C PRO A 140 -1.31 -0.79 1.20
N GLU A 141 -0.94 -0.73 -0.08
CA GLU A 141 -1.45 -1.67 -1.07
C GLU A 141 -1.11 -3.12 -0.73
N ASN A 142 -0.06 -3.35 0.08
CA ASN A 142 0.38 -4.70 0.42
C ASN A 142 -0.11 -5.17 1.77
N LEU A 143 -1.04 -4.45 2.38
CA LEU A 143 -1.63 -4.79 3.67
C LEU A 143 -3.09 -5.12 3.40
N LEU A 144 -3.43 -6.40 3.40
CA LEU A 144 -4.78 -6.84 3.07
C LEU A 144 -5.47 -7.38 4.32
N LEU A 145 -6.77 -7.60 4.19
CA LEU A 145 -7.55 -8.24 5.24
C LEU A 145 -8.02 -9.60 4.77
N ALA A 146 -8.01 -10.56 5.71
CA ALA A 146 -8.25 -11.96 5.34
C ALA A 146 -9.64 -12.17 4.74
N SER A 147 -10.62 -11.44 5.26
CA SER A 147 -12.00 -11.57 4.81
C SER A 147 -12.73 -10.28 5.16
N LYS A 148 -14.01 -10.22 4.78
CA LYS A 148 -14.88 -9.11 5.18
C LYS A 148 -15.41 -9.26 6.60
N LEU A 149 -14.93 -10.26 7.34
CA LEU A 149 -15.35 -10.41 8.73
C LEU A 149 -14.86 -9.23 9.56
N LYS A 150 -15.76 -8.63 10.32
CA LYS A 150 -15.35 -7.58 11.25
C LYS A 150 -14.30 -8.15 12.19
N GLY A 151 -13.11 -7.53 12.20
CA GLY A 151 -12.02 -8.01 13.02
C GLY A 151 -11.07 -8.97 12.33
N ALA A 152 -11.21 -9.16 11.02
CA ALA A 152 -10.39 -10.10 10.27
C ALA A 152 -8.90 -9.79 10.38
N ALA A 153 -8.08 -10.83 10.26
CA ALA A 153 -6.64 -10.70 10.36
C ALA A 153 -6.06 -9.89 9.19
N VAL A 154 -5.02 -9.12 9.50
CA VAL A 154 -4.18 -8.47 8.50
C VAL A 154 -3.25 -9.49 7.86
N LYS A 155 -3.10 -9.39 6.55
CA LYS A 155 -2.22 -10.26 5.79
C LYS A 155 -1.26 -9.41 4.97
N LEU A 156 0.04 -9.65 5.17
CA LEU A 156 1.08 -9.04 4.35
C LEU A 156 1.15 -9.73 2.99
N ALA A 157 1.19 -8.94 1.92
CA ALA A 157 1.14 -9.45 0.55
C ALA A 157 2.26 -8.86 -0.28
N ASP A 158 2.43 -9.48 -1.46
CA ASP A 158 3.27 -9.01 -2.57
C ASP A 158 4.75 -8.99 -2.23
N PHE A 159 5.42 -10.12 -2.45
CA PHE A 159 6.85 -10.25 -2.21
C PHE A 159 7.66 -10.03 -3.47
N GLY A 160 7.11 -9.29 -4.43
CA GLY A 160 7.81 -9.03 -5.67
C GLY A 160 9.15 -8.33 -5.49
N LEU A 161 9.29 -7.49 -4.47
CA LEU A 161 10.53 -6.78 -4.23
C LEU A 161 11.38 -7.42 -3.15
N ALA A 162 10.89 -8.48 -2.50
CA ALA A 162 11.58 -9.04 -1.35
C ALA A 162 12.92 -9.64 -1.76
N ILE A 163 13.87 -9.60 -0.82
CA ILE A 163 15.21 -10.12 -1.07
C ILE A 163 15.57 -11.05 0.07
N GLU A 164 16.56 -11.91 -0.22
CA GLU A 164 17.12 -12.80 0.77
C GLU A 164 18.41 -12.20 1.32
N VAL A 165 18.53 -12.15 2.64
CA VAL A 165 19.74 -11.69 3.28
C VAL A 165 20.40 -12.88 3.99
N GLU A 166 21.68 -12.72 4.32
CA GLU A 166 22.41 -13.76 5.03
C GLU A 166 22.72 -13.26 6.44
N GLY A 167 21.96 -13.76 7.41
CA GLY A 167 22.16 -13.32 8.78
C GLY A 167 21.94 -11.83 8.88
N GLU A 168 22.81 -11.17 9.62
CA GLU A 168 22.70 -9.73 9.81
C GLU A 168 23.54 -8.93 8.82
N GLN A 169 24.11 -9.61 7.82
CA GLN A 169 24.98 -8.94 6.87
C GLN A 169 24.22 -7.90 6.05
N GLN A 170 24.77 -6.70 5.99
CA GLN A 170 24.20 -5.59 5.24
C GLN A 170 24.87 -5.50 3.88
N ALA A 171 24.10 -5.11 2.87
CA ALA A 171 24.65 -4.98 1.54
C ALA A 171 23.81 -3.97 0.76
N TRP A 172 24.37 -3.48 -0.33
CA TRP A 172 23.59 -2.66 -1.26
C TRP A 172 22.82 -3.60 -2.18
N PHE A 173 21.53 -3.78 -1.88
CA PHE A 173 20.65 -4.61 -2.70
C PHE A 173 19.88 -3.79 -3.73
N GLY A 174 20.17 -2.51 -3.85
CA GLY A 174 19.65 -1.74 -4.95
C GLY A 174 18.55 -0.78 -4.52
N PHE A 175 18.26 0.15 -5.42
CA PHE A 175 17.14 1.05 -5.28
C PHE A 175 15.86 0.31 -5.66
N ALA A 176 14.98 0.10 -4.68
CA ALA A 176 13.68 -0.49 -4.94
C ALA A 176 12.72 -0.04 -3.84
N GLY A 177 11.47 0.23 -4.21
CA GLY A 177 10.44 0.58 -3.27
C GLY A 177 9.69 1.82 -3.69
N THR A 178 8.71 2.19 -2.86
CA THR A 178 7.89 3.36 -3.15
C THR A 178 8.43 4.55 -2.39
N PRO A 179 8.64 5.68 -3.08
CA PRO A 179 9.36 6.83 -2.51
C PRO A 179 9.00 7.21 -1.08
N GLY A 180 7.71 7.39 -0.79
CA GLY A 180 7.33 7.85 0.54
C GLY A 180 7.69 6.91 1.67
N TYR A 181 8.06 5.66 1.36
CA TYR A 181 8.34 4.63 2.36
C TYR A 181 9.81 4.28 2.41
N LEU A 182 10.64 4.88 1.56
CA LEU A 182 12.05 4.53 1.48
C LEU A 182 12.79 5.03 2.71
N SER A 183 13.77 4.24 3.13
CA SER A 183 14.54 4.55 4.33
C SER A 183 15.69 5.49 4.02
N PRO A 184 16.18 6.23 5.03
CA PRO A 184 17.36 7.07 4.80
C PRO A 184 18.56 6.30 4.30
N GLU A 185 18.81 5.08 4.81
CA GLU A 185 20.01 4.36 4.37
C GLU A 185 19.93 4.01 2.89
N VAL A 186 18.74 3.65 2.39
CA VAL A 186 18.60 3.36 0.96
C VAL A 186 18.80 4.62 0.14
N LEU A 187 18.21 5.73 0.59
CA LEU A 187 18.37 7.00 -0.13
C LEU A 187 19.81 7.50 -0.11
N ARG A 188 20.56 7.17 0.93
CA ARG A 188 21.99 7.48 0.94
C ARG A 188 22.83 6.46 0.18
N LYS A 189 22.20 5.44 -0.40
CA LYS A 189 22.89 4.36 -1.11
C LYS A 189 23.85 3.62 -0.18
N ASP A 190 23.50 3.51 1.09
CA ASP A 190 24.28 2.76 2.05
C ASP A 190 23.89 1.29 1.99
N PRO A 191 24.78 0.39 2.46
CA PRO A 191 24.37 -1.01 2.65
C PRO A 191 23.21 -1.06 3.64
N TYR A 192 22.29 -1.99 3.41
CA TYR A 192 21.08 -2.03 4.23
C TYR A 192 20.62 -3.47 4.40
N GLY A 193 19.57 -3.63 5.18
CA GLY A 193 19.03 -4.94 5.47
C GLY A 193 17.67 -4.84 6.12
N LYS A 194 17.44 -5.67 7.14
CA LYS A 194 16.15 -5.74 7.79
C LYS A 194 15.60 -4.39 8.27
N PRO A 195 16.41 -3.46 8.80
CA PRO A 195 15.80 -2.22 9.33
C PRO A 195 14.98 -1.44 8.32
N VAL A 196 15.17 -1.64 7.01
CA VAL A 196 14.37 -0.86 6.07
C VAL A 196 12.90 -1.17 6.24
N ASP A 197 12.57 -2.41 6.62
CA ASP A 197 11.17 -2.75 6.84
C ASP A 197 10.62 -2.01 8.06
N LEU A 198 11.45 -1.78 9.07
CA LEU A 198 10.94 -1.12 10.27
C LEU A 198 10.74 0.36 10.03
N TRP A 199 11.58 0.98 9.21
CA TRP A 199 11.31 2.34 8.78
C TRP A 199 9.95 2.44 8.09
N ALA A 200 9.70 1.55 7.13
CA ALA A 200 8.42 1.55 6.43
C ALA A 200 7.26 1.33 7.40
N CYS A 201 7.47 0.46 8.38
CA CYS A 201 6.46 0.26 9.42
C CYS A 201 6.16 1.55 10.16
N GLY A 202 7.20 2.35 10.43
CA GLY A 202 6.99 3.64 11.10
C GLY A 202 6.17 4.59 10.25
N VAL A 203 6.44 4.62 8.94
CA VAL A 203 5.64 5.43 8.04
C VAL A 203 4.20 4.98 8.05
N ILE A 204 3.98 3.66 7.93
CA ILE A 204 2.62 3.13 7.96
C ILE A 204 1.95 3.49 9.29
N LEU A 205 2.65 3.30 10.41
CA LEU A 205 2.04 3.58 11.70
C LEU A 205 1.62 5.05 11.82
N TYR A 206 2.50 5.95 11.40
CA TYR A 206 2.17 7.37 11.39
C TYR A 206 0.86 7.62 10.64
N ILE A 207 0.73 7.02 9.46
CA ILE A 207 -0.49 7.18 8.67
C ILE A 207 -1.69 6.57 9.39
N LEU A 208 -1.50 5.42 10.05
CA LEU A 208 -2.61 4.81 10.78
C LEU A 208 -3.13 5.71 11.90
N LEU A 209 -2.27 6.59 12.42
CA LEU A 209 -2.70 7.44 13.53
C LEU A 209 -3.36 8.73 13.07
N VAL A 210 -2.90 9.35 11.98
CA VAL A 210 -3.45 10.66 11.61
C VAL A 210 -3.96 10.72 10.18
N GLY A 211 -3.69 9.67 9.38
CA GLY A 211 -4.30 9.56 8.07
C GLY A 211 -3.58 10.29 6.96
N TYR A 212 -2.39 10.80 7.21
CA TYR A 212 -1.57 11.43 6.18
C TYR A 212 -0.14 11.02 6.45
N PRO A 213 0.74 11.12 5.44
CA PRO A 213 2.09 10.56 5.59
C PRO A 213 3.04 11.54 6.26
N PRO A 214 4.09 11.01 6.92
CA PRO A 214 5.01 11.90 7.63
C PRO A 214 5.94 12.65 6.71
N PHE A 215 6.24 12.10 5.53
CA PHE A 215 7.06 12.76 4.53
C PHE A 215 6.26 12.84 3.24
N TRP A 216 6.15 14.05 2.71
CA TRP A 216 5.40 14.29 1.48
C TRP A 216 5.96 15.55 0.84
N ASP A 217 6.15 15.50 -0.47
CA ASP A 217 6.55 16.68 -1.23
C ASP A 217 6.42 16.33 -2.70
N GLU A 218 5.87 17.28 -3.48
CA GLU A 218 5.74 17.06 -4.91
C GLU A 218 7.11 16.87 -5.56
N ASP A 219 8.13 17.56 -5.05
CA ASP A 219 9.49 17.43 -5.54
C ASP A 219 10.12 16.21 -4.89
N GLN A 220 10.29 15.14 -5.67
CA GLN A 220 10.84 13.92 -5.11
C GLN A 220 12.22 14.14 -4.51
N HIS A 221 13.01 15.05 -5.09
CA HIS A 221 14.30 15.35 -4.50
C HIS A 221 14.15 15.98 -3.13
N ARG A 222 13.14 16.86 -2.97
CA ARG A 222 12.86 17.42 -1.64
C ARG A 222 12.32 16.37 -0.69
N LEU A 223 11.47 15.46 -1.19
CA LEU A 223 11.00 14.36 -0.37
C LEU A 223 12.17 13.58 0.20
N TYR A 224 13.14 13.24 -0.65
CA TYR A 224 14.24 12.40 -0.20
C TYR A 224 15.14 13.15 0.77
N GLN A 225 15.30 14.47 0.62
CA GLN A 225 16.04 15.21 1.63
C GLN A 225 15.31 15.21 2.97
N GLN A 226 13.99 15.35 2.94
CA GLN A 226 13.23 15.32 4.18
C GLN A 226 13.33 13.97 4.88
N ILE A 227 13.21 12.88 4.12
CA ILE A 227 13.36 11.55 4.73
C ILE A 227 14.75 11.40 5.33
N LYS A 228 15.78 11.77 4.56
CA LYS A 228 17.15 11.58 5.04
C LYS A 228 17.43 12.42 6.27
N ALA A 229 16.73 13.54 6.43
CA ALA A 229 16.87 14.36 7.62
C ALA A 229 15.94 13.94 8.75
N GLY A 230 15.12 12.92 8.54
CA GLY A 230 14.13 12.55 9.54
C GLY A 230 13.18 13.68 9.89
N ALA A 231 12.83 14.51 8.91
CA ALA A 231 12.08 15.74 9.18
C ALA A 231 10.58 15.48 9.05
N TYR A 232 10.05 14.80 10.06
CA TYR A 232 8.62 14.67 10.29
C TYR A 232 8.24 15.46 11.54
N ASP A 233 6.94 15.62 11.75
CA ASP A 233 6.45 16.42 12.87
C ASP A 233 5.18 15.77 13.41
N PHE A 234 4.85 16.12 14.65
CA PHE A 234 3.59 15.74 15.28
C PHE A 234 2.78 17.01 15.54
N PRO A 235 2.26 17.64 14.50
CA PRO A 235 1.61 18.95 14.70
C PRO A 235 0.28 18.86 15.41
N SER A 236 -0.08 19.97 16.06
CA SER A 236 -1.40 20.22 16.61
C SER A 236 -2.38 20.57 15.49
N PRO A 237 -3.68 20.28 15.68
CA PRO A 237 -4.28 19.68 16.88
C PRO A 237 -4.32 18.14 16.90
N GLU A 238 -4.16 17.49 15.74
CA GLU A 238 -4.44 16.06 15.69
C GLU A 238 -3.50 15.26 16.58
N TRP A 239 -2.24 15.66 16.69
CA TRP A 239 -1.33 14.88 17.52
C TRP A 239 -1.46 15.16 19.02
N ASP A 240 -2.25 16.15 19.41
CA ASP A 240 -2.39 16.50 20.84
C ASP A 240 -3.06 15.39 21.63
N THR A 241 -3.87 14.56 20.97
CA THR A 241 -4.61 13.49 21.60
C THR A 241 -3.95 12.14 21.43
N VAL A 242 -2.81 12.08 20.77
CA VAL A 242 -2.09 10.83 20.58
C VAL A 242 -1.25 10.56 21.83
N THR A 243 -1.29 9.32 22.30
CA THR A 243 -0.60 8.96 23.53
C THR A 243 0.90 9.15 23.36
N PRO A 244 1.61 9.47 24.45
CA PRO A 244 3.08 9.56 24.36
C PRO A 244 3.71 8.27 23.87
N GLU A 245 3.14 7.12 24.27
CA GLU A 245 3.72 5.83 23.90
C GLU A 245 3.60 5.55 22.41
N ALA A 246 2.53 6.01 21.76
CA ALA A 246 2.42 5.88 20.31
C ALA A 246 3.45 6.75 19.60
N LYS A 247 3.64 7.99 20.07
CA LYS A 247 4.67 8.84 19.49
C LYS A 247 6.05 8.24 19.69
N ASP A 248 6.29 7.62 20.85
CA ASP A 248 7.57 7.01 21.14
C ASP A 248 7.87 5.87 20.16
N LEU A 249 6.88 5.01 19.92
CA LEU A 249 7.09 3.91 18.98
C LEU A 249 7.37 4.43 17.58
N ILE A 250 6.63 5.45 17.14
CA ILE A 250 6.90 6.07 15.86
C ILE A 250 8.34 6.59 15.81
N ASN A 251 8.74 7.33 16.85
CA ASN A 251 10.10 7.87 16.91
C ASN A 251 11.14 6.77 16.78
N LYS A 252 10.92 5.64 17.45
CA LYS A 252 11.91 4.57 17.43
C LYS A 252 11.93 3.85 16.08
N MET A 253 10.80 3.83 15.36
CA MET A 253 10.79 3.28 14.01
C MET A 253 11.37 4.27 12.99
N LEU A 254 11.05 5.55 13.12
CA LEU A 254 11.58 6.57 12.22
C LEU A 254 12.89 7.15 12.72
N THR A 255 13.79 6.27 13.16
CA THR A 255 15.13 6.64 13.57
C THR A 255 16.06 6.52 12.36
N ILE A 256 16.77 7.60 12.02
CA ILE A 256 17.46 7.61 10.74
C ILE A 256 18.70 6.70 10.75
N ASN A 257 19.31 6.47 11.91
CA ASN A 257 20.42 5.53 12.01
C ASN A 257 19.86 4.12 12.09
N PRO A 258 20.04 3.30 11.06
CA PRO A 258 19.40 1.97 11.07
C PRO A 258 19.86 1.08 12.20
N SER A 259 21.09 1.26 12.71
CA SER A 259 21.56 0.41 13.78
C SER A 259 20.89 0.74 15.11
N LYS A 260 20.36 1.95 15.26
CA LYS A 260 19.65 2.34 16.47
C LYS A 260 18.13 2.21 16.34
N ARG A 261 17.63 1.99 15.12
CA ARG A 261 16.21 1.84 14.90
C ARG A 261 15.68 0.59 15.61
N ILE A 262 14.45 0.68 16.10
CA ILE A 262 13.85 -0.46 16.78
C ILE A 262 13.66 -1.59 15.78
N THR A 263 13.86 -2.83 16.23
CA THR A 263 13.64 -4.04 15.44
C THR A 263 12.20 -4.52 15.58
N ALA A 264 11.81 -5.48 14.74
CA ALA A 264 10.45 -6.02 14.85
C ALA A 264 10.24 -6.68 16.21
N ALA A 265 11.19 -7.52 16.65
CA ALA A 265 11.06 -8.17 17.94
C ALA A 265 10.97 -7.14 19.06
N GLU A 266 11.80 -6.11 19.01
CA GLU A 266 11.76 -5.07 20.04
C GLU A 266 10.44 -4.32 20.01
N ALA A 267 9.92 -4.05 18.80
CA ALA A 267 8.70 -3.26 18.71
C ALA A 267 7.50 -4.05 19.22
N LEU A 268 7.52 -5.37 19.05
CA LEU A 268 6.47 -6.20 19.60
C LEU A 268 6.44 -6.15 21.12
N LYS A 269 7.55 -5.77 21.75
CA LYS A 269 7.60 -5.64 23.19
C LYS A 269 7.31 -4.24 23.67
N HIS A 270 7.16 -3.29 22.75
CA HIS A 270 6.90 -1.92 23.12
C HIS A 270 5.54 -1.82 23.80
N PRO A 271 5.42 -1.04 24.88
CA PRO A 271 4.17 -1.03 25.66
C PRO A 271 2.93 -0.67 24.85
N TRP A 272 3.05 0.21 23.85
CA TRP A 272 1.87 0.53 23.07
C TRP A 272 1.35 -0.67 22.29
N ILE A 273 2.21 -1.67 22.04
CA ILE A 273 1.85 -2.90 21.34
C ILE A 273 1.52 -3.96 22.38
N SER A 274 2.46 -4.22 23.28
CA SER A 274 2.36 -5.37 24.17
C SER A 274 1.38 -5.15 25.31
N HIS A 275 1.08 -3.90 25.63
CA HIS A 275 0.11 -3.53 26.66
C HIS A 275 -0.95 -2.61 26.08
N ARG A 276 -1.42 -2.97 24.87
CA ARG A 276 -2.37 -2.14 24.14
C ARG A 276 -3.62 -1.86 24.97
N SER A 277 -4.11 -2.85 25.71
CA SER A 277 -5.37 -2.70 26.44
C SER A 277 -5.31 -1.60 27.49
N THR A 278 -4.13 -1.29 28.01
CA THR A 278 -3.99 -0.25 29.02
C THR A 278 -3.24 0.98 28.55
N VAL A 279 -2.58 0.93 27.39
CA VAL A 279 -1.71 2.00 26.93
C VAL A 279 -2.32 2.74 25.73
N ALA A 280 -2.86 2.01 24.76
CA ALA A 280 -3.39 2.65 23.56
C ALA A 280 -4.72 3.33 23.84
N SER A 281 -4.90 4.52 23.27
CA SER A 281 -6.18 5.21 23.42
C SER A 281 -7.28 4.47 22.67
N CYS A 282 -8.48 4.50 23.25
N CYS A 282 -8.48 4.50 23.25
CA CYS A 282 -9.67 3.98 22.58
CA CYS A 282 -9.68 3.99 22.61
C CYS A 282 -10.49 5.08 21.92
C CYS A 282 -10.55 5.11 22.04
N MET A 283 -10.02 6.32 21.94
CA MET A 283 -10.76 7.42 21.37
C MET A 283 -10.86 7.28 19.86
N HIS A 284 -12.06 7.43 19.32
CA HIS A 284 -12.22 7.48 17.87
C HIS A 284 -11.59 8.76 17.33
N ARG A 285 -10.81 8.62 16.25
CA ARG A 285 -10.05 9.73 15.67
C ARG A 285 -10.69 10.06 14.32
N GLN A 286 -11.70 10.93 14.36
CA GLN A 286 -12.45 11.22 13.14
C GLN A 286 -11.57 11.83 12.07
N GLU A 287 -10.71 12.78 12.46
CA GLU A 287 -9.84 13.43 11.49
C GLU A 287 -8.93 12.42 10.80
N THR A 288 -8.53 11.35 11.50
CA THR A 288 -7.71 10.32 10.87
C THR A 288 -8.47 9.65 9.73
N VAL A 289 -9.71 9.24 9.99
CA VAL A 289 -10.48 8.57 8.96
C VAL A 289 -10.77 9.52 7.80
N ASP A 290 -11.10 10.77 8.11
CA ASP A 290 -11.30 11.80 7.09
C ASP A 290 -10.08 11.92 6.20
N CYS A 291 -8.90 12.06 6.81
CA CYS A 291 -7.66 12.18 6.04
C CYS A 291 -7.36 10.91 5.26
N LEU A 292 -7.54 9.74 5.89
CA LEU A 292 -7.30 8.49 5.19
C LEU A 292 -8.16 8.39 3.94
N LYS A 293 -9.38 8.91 3.99
CA LYS A 293 -10.27 8.87 2.83
C LYS A 293 -9.67 9.66 1.67
N LYS A 294 -9.08 10.81 1.97
CA LYS A 294 -8.41 11.59 0.93
C LYS A 294 -7.10 10.93 0.51
N PHE A 295 -6.39 10.35 1.48
CA PHE A 295 -5.16 9.62 1.17
C PHE A 295 -5.41 8.52 0.15
N ASN A 296 -6.45 7.70 0.38
CA ASN A 296 -6.76 6.62 -0.54
C ASN A 296 -7.20 7.17 -1.90
N ALA A 297 -7.93 8.27 -1.90
CA ALA A 297 -8.40 8.86 -3.16
C ALA A 297 -7.23 9.40 -3.99
N ARG A 298 -6.30 10.10 -3.34
CA ARG A 298 -5.12 10.58 -4.05
C ARG A 298 -4.33 9.43 -4.66
N ARG A 299 -4.19 8.34 -3.91
CA ARG A 299 -3.47 7.17 -4.41
C ARG A 299 -4.14 6.61 -5.65
N LYS A 300 -5.45 6.44 -5.61
CA LYS A 300 -6.16 5.91 -6.78
C LYS A 300 -6.00 6.83 -7.97
N LEU A 301 -6.18 8.14 -7.75
CA LEU A 301 -6.18 9.08 -8.86
C LEU A 301 -4.78 9.23 -9.43
N LYS A 302 -3.76 9.19 -8.59
CA LYS A 302 -2.38 9.16 -9.09
C LYS A 302 -2.22 8.06 -10.12
N GLY A 303 -2.62 6.84 -9.80
CA GLY A 303 -2.47 5.73 -10.73
C GLY A 303 -3.32 5.90 -11.98
N ALA A 304 -4.57 6.34 -11.82
CA ALA A 304 -5.45 6.51 -12.98
C ALA A 304 -4.97 7.64 -13.88
N ILE A 305 -4.62 8.78 -13.29
CA ILE A 305 -4.23 9.94 -14.10
C ILE A 305 -2.89 9.68 -14.77
N LEU A 306 -1.95 9.07 -14.06
CA LEU A 306 -0.65 8.77 -14.68
C LEU A 306 -0.81 7.83 -15.86
N ALA A 307 -1.75 6.89 -15.78
CA ALA A 307 -2.01 6.01 -16.91
C ALA A 307 -2.65 6.76 -18.06
N ALA A 308 -3.60 7.64 -17.75
CA ALA A 308 -4.23 8.42 -18.81
C ALA A 308 -3.19 9.31 -19.49
N MET A 309 -2.32 9.96 -18.70
CA MET A 309 -1.29 10.83 -19.29
C MET A 309 -0.36 10.02 -20.18
N LEU A 310 0.00 8.81 -19.75
CA LEU A 310 0.89 7.98 -20.55
C LEU A 310 0.27 7.64 -21.90
N ALA A 311 -1.04 7.33 -21.90
CA ALA A 311 -1.74 7.03 -23.15
C ALA A 311 -1.91 8.26 -24.02
N THR A 312 -1.86 9.46 -23.43
CA THR A 312 -1.91 10.69 -24.22
C THR A 312 -0.59 10.94 -24.94
N ARG A 313 0.53 10.76 -24.25
CA ARG A 313 1.84 10.96 -24.88
C ARG A 313 2.04 10.02 -26.06
N ASN A 314 1.65 8.76 -25.91
CA ASN A 314 1.66 7.78 -27.01
C ASN A 314 3.05 7.61 -27.62
N THR B 6 -11.81 1.22 -12.16
CA THR B 6 -13.09 1.44 -12.83
C THR B 6 -13.46 2.93 -12.79
N ALA B 7 -14.42 3.32 -13.64
CA ALA B 7 -14.89 4.70 -13.63
C ALA B 7 -15.53 5.06 -12.29
N GLU B 8 -16.24 4.11 -11.68
CA GLU B 8 -16.88 4.36 -10.39
C GLU B 8 -15.87 4.79 -9.34
N GLN B 9 -14.75 4.06 -9.24
CA GLN B 9 -13.74 4.37 -8.23
C GLN B 9 -13.09 5.72 -8.50
N VAL B 10 -12.84 6.03 -9.77
CA VAL B 10 -12.20 7.29 -10.12
C VAL B 10 -13.11 8.46 -9.80
N ILE B 11 -14.39 8.36 -10.18
CA ILE B 11 -15.36 9.42 -9.89
C ILE B 11 -15.46 9.64 -8.38
N ALA B 12 -15.57 8.53 -7.63
CA ALA B 12 -15.69 8.63 -6.19
C ALA B 12 -14.46 9.25 -5.57
N SER B 13 -13.29 9.00 -6.15
CA SER B 13 -12.06 9.59 -5.61
C SER B 13 -11.99 11.08 -5.90
N PHE B 14 -12.36 11.48 -7.12
CA PHE B 14 -12.45 12.90 -7.42
C PHE B 14 -13.45 13.57 -6.48
N ARG B 15 -14.58 12.91 -6.24
CA ARG B 15 -15.60 13.49 -5.37
C ARG B 15 -15.05 13.68 -3.97
N ILE B 16 -14.25 12.74 -3.48
CA ILE B 16 -13.62 12.90 -2.18
C ILE B 16 -12.72 14.12 -2.15
N LEU B 17 -11.87 14.28 -3.16
CA LEU B 17 -10.99 15.45 -3.17
C LEU B 17 -11.77 16.74 -3.37
N ALA B 18 -12.97 16.68 -3.94
CA ALA B 18 -13.85 17.83 -4.02
C ALA B 18 -14.70 18.03 -2.77
N SER B 19 -14.35 17.38 -1.66
CA SER B 19 -15.12 17.53 -0.41
C SER B 19 -16.59 17.16 -0.60
N ASP B 20 -16.84 16.15 -1.44
CA ASP B 20 -18.16 15.58 -1.72
C ASP B 20 -19.04 16.48 -2.55
N LYS B 21 -18.50 17.54 -3.16
CA LYS B 21 -19.28 18.33 -4.11
C LYS B 21 -19.45 17.53 -5.40
N PRO B 22 -20.52 17.79 -6.16
CA PRO B 22 -20.72 17.08 -7.44
C PRO B 22 -19.81 17.57 -8.55
N TYR B 23 -19.01 18.60 -8.29
CA TYR B 23 -18.03 19.14 -9.21
C TYR B 23 -16.75 19.39 -8.41
N ILE B 24 -15.65 19.64 -9.13
CA ILE B 24 -14.39 19.99 -8.49
C ILE B 24 -13.91 21.30 -9.09
N LEU B 25 -13.11 22.02 -8.33
CA LEU B 25 -12.54 23.29 -8.77
C LEU B 25 -11.07 23.11 -9.14
N ALA B 26 -10.59 23.96 -10.06
CA ALA B 26 -9.19 23.87 -10.45
C ALA B 26 -8.25 23.98 -9.26
N GLU B 27 -8.55 24.89 -8.33
CA GLU B 27 -7.65 25.05 -7.18
C GLU B 27 -7.64 23.82 -6.28
N GLU B 28 -8.72 23.05 -6.27
CA GLU B 28 -8.73 21.82 -5.48
C GLU B 28 -7.87 20.76 -6.14
N LEU B 29 -7.90 20.68 -7.47
CA LEU B 29 -7.00 19.77 -8.15
C LEU B 29 -5.54 20.15 -7.90
N ARG B 30 -5.25 21.46 -7.92
CA ARG B 30 -3.88 21.93 -7.70
C ARG B 30 -3.41 21.66 -6.27
N ARG B 31 -4.31 21.81 -5.29
CA ARG B 31 -3.93 21.51 -3.91
C ARG B 31 -3.67 20.02 -3.71
N GLU B 32 -4.51 19.16 -4.29
CA GLU B 32 -4.55 17.74 -3.93
C GLU B 32 -3.68 16.86 -4.81
N LEU B 33 -3.34 17.30 -6.01
CA LEU B 33 -2.63 16.48 -6.98
C LEU B 33 -1.30 17.13 -7.37
N PRO B 34 -0.31 16.34 -7.78
CA PRO B 34 0.92 16.91 -8.34
C PRO B 34 0.60 17.85 -9.48
N PRO B 35 1.40 18.90 -9.68
CA PRO B 35 1.03 19.93 -10.67
C PRO B 35 0.69 19.41 -12.05
N ASP B 36 1.47 18.49 -12.61
CA ASP B 36 1.17 18.07 -13.98
C ASP B 36 -0.11 17.24 -14.04
N GLN B 37 -0.39 16.47 -12.99
CA GLN B 37 -1.67 15.74 -12.92
C GLN B 37 -2.83 16.71 -12.77
N ALA B 38 -2.66 17.74 -11.94
CA ALA B 38 -3.71 18.76 -11.81
C ALA B 38 -4.01 19.41 -13.15
N GLN B 39 -2.97 19.86 -13.85
CA GLN B 39 -3.19 20.58 -15.10
C GLN B 39 -3.76 19.66 -16.18
N TYR B 40 -3.32 18.41 -16.21
CA TYR B 40 -3.92 17.45 -17.14
C TYR B 40 -5.43 17.36 -16.94
N CYS B 41 -5.87 17.29 -15.68
CA CYS B 41 -7.31 17.24 -15.39
C CYS B 41 -8.00 18.56 -15.70
N ILE B 42 -7.40 19.69 -15.30
CA ILE B 42 -8.02 20.98 -15.54
C ILE B 42 -8.25 21.20 -17.02
N LYS B 43 -7.29 20.78 -17.85
CA LYS B 43 -7.39 20.97 -19.29
C LYS B 43 -8.54 20.16 -19.91
N ARG B 44 -8.86 19.01 -19.33
CA ARG B 44 -9.76 18.06 -19.98
C ARG B 44 -11.10 17.87 -19.29
N MET B 45 -11.31 18.48 -18.12
CA MET B 45 -12.60 18.38 -17.46
C MET B 45 -13.54 19.45 -18.00
N PRO B 46 -14.71 19.08 -18.52
CA PRO B 46 -15.64 20.09 -19.02
C PRO B 46 -16.33 20.81 -17.88
N ALA B 47 -16.87 21.99 -18.20
CA ALA B 47 -17.61 22.77 -17.23
C ALA B 47 -18.78 21.96 -16.68
N TYR B 48 -18.91 21.96 -15.35
CA TYR B 48 -20.08 21.38 -14.71
C TYR B 48 -21.22 22.40 -14.73
N SER B 49 -22.39 21.97 -15.24
CA SER B 49 -23.56 22.83 -15.29
C SER B 49 -24.76 22.19 -14.59
N GLY B 50 -24.56 21.09 -13.87
CA GLY B 50 -25.64 20.42 -13.19
C GLY B 50 -26.06 21.12 -11.92
N PRO B 51 -26.81 20.42 -11.08
CA PRO B 51 -27.31 21.01 -9.84
C PRO B 51 -26.20 21.52 -8.94
N GLY B 52 -26.36 22.76 -8.48
CA GLY B 52 -25.40 23.37 -7.57
C GLY B 52 -24.13 23.88 -8.22
N SER B 53 -24.13 24.06 -9.53
N SER B 53 -24.13 24.08 -9.52
CA SER B 53 -22.93 24.54 -10.21
CA SER B 53 -22.94 24.54 -10.23
C SER B 53 -22.58 25.95 -9.77
C SER B 53 -22.58 25.96 -9.83
N VAL B 54 -21.29 26.25 -9.82
CA VAL B 54 -20.77 27.59 -9.54
C VAL B 54 -19.81 27.92 -10.68
N PRO B 55 -19.35 29.16 -10.82
CA PRO B 55 -18.40 29.45 -11.90
C PRO B 55 -17.05 28.79 -11.61
N GLY B 56 -16.49 28.15 -12.64
CA GLY B 56 -15.29 27.36 -12.47
C GLY B 56 -15.53 25.91 -12.10
N ALA B 57 -16.78 25.51 -11.89
CA ALA B 57 -17.07 24.12 -11.55
C ALA B 57 -16.67 23.21 -12.71
N LEU B 58 -15.88 22.18 -12.41
CA LEU B 58 -15.41 21.24 -13.41
C LEU B 58 -16.09 19.89 -13.21
N ASP B 59 -16.46 19.26 -14.33
CA ASP B 59 -17.25 18.01 -14.33
C ASP B 59 -16.31 16.81 -14.33
N TYR B 60 -15.85 16.44 -13.14
CA TYR B 60 -14.98 15.28 -13.04
C TYR B 60 -15.71 14.00 -13.43
N ALA B 61 -17.03 13.94 -13.23
CA ALA B 61 -17.75 12.73 -13.55
C ALA B 61 -17.84 12.52 -15.06
N ALA B 62 -18.16 13.58 -15.79
CA ALA B 62 -18.17 13.51 -17.26
C ALA B 62 -16.81 13.11 -17.79
N PHE B 63 -15.75 13.73 -17.26
CA PHE B 63 -14.37 13.39 -17.66
C PHE B 63 -14.06 11.92 -17.41
N SER B 64 -14.37 11.44 -16.21
CA SER B 64 -14.04 10.06 -15.86
C SER B 64 -14.85 9.06 -16.68
N SER B 65 -16.16 9.30 -16.83
CA SER B 65 -16.99 8.38 -17.61
C SER B 65 -16.54 8.30 -19.05
N ALA B 66 -16.25 9.45 -19.66
CA ALA B 66 -15.79 9.47 -21.04
C ALA B 66 -14.47 8.71 -21.20
N LEU B 67 -13.60 8.83 -20.21
CA LEU B 67 -12.29 8.19 -20.29
C LEU B 67 -12.42 6.68 -20.44
N TYR B 68 -13.40 6.07 -19.78
CA TYR B 68 -13.53 4.62 -19.75
C TYR B 68 -14.73 4.14 -20.55
N GLY B 69 -15.30 4.99 -21.39
CA GLY B 69 -16.42 4.62 -22.25
C GLY B 69 -17.68 4.21 -21.52
N GLU B 70 -17.99 4.87 -20.41
CA GLU B 70 -19.11 4.44 -19.58
C GLU B 70 -20.36 5.30 -19.83
#